data_3DZ1
#
_entry.id   3DZ1
#
_cell.length_a   65.463
_cell.length_b   84.264
_cell.length_c   114.821
_cell.angle_alpha   90.00
_cell.angle_beta   90.00
_cell.angle_gamma   90.00
#
_symmetry.space_group_name_H-M   'I 2 2 2'
#
loop_
_entity.id
_entity.type
_entity.pdbx_description
1 polymer 'Dihydrodipicolinate synthase'
2 water water
#
_entity_poly.entity_id   1
_entity_poly.type   'polypeptide(L)'
_entity_poly.pdbx_seq_one_letter_code
;(MSE)SLKLTPEAAGTFAIAPTPFHDDGKIDDVSIDRLTDFYAEVGCEGVTVLGILGEAPKLDAAEAEAVATRFIKRAKS
(MSE)QVIVGVSAPGFAA(MSE)RRLARLS(MSE)DAGAAGV(MSE)IAPPPSLRTDEQITTYFRQATEAIGDDVPWVLQ
DYPLTLSVV(MSE)TPKVIRQIV(MSE)DSASCV(MSE)LKHEDWPGLEKITTLRGFQKDGSLRPLSILCGNGGLFLDFE
(MSE)ERGADGA(MSE)TGYCFPD(MSE)LVDVVKLSKAGQRDLAHNLFDAHLPLIRYEHQQGVGLSVRKYVLKKRGLLS
SSAQRKPGASLTDTAREEVDYLLSRLARVEGHHHHHH
;
_entity_poly.pdbx_strand_id   A
#
# COMPACT_ATOMS: atom_id res chain seq x y z
N SER A 2 2.06 -18.27 -5.40
CA SER A 2 3.43 -18.72 -5.52
C SER A 2 4.20 -17.89 -6.55
N LEU A 3 3.51 -17.00 -7.25
CA LEU A 3 4.14 -16.15 -8.27
C LEU A 3 4.88 -14.98 -7.66
N LYS A 4 6.09 -14.75 -8.14
CA LYS A 4 6.89 -13.63 -7.64
C LYS A 4 6.42 -12.33 -8.30
N LEU A 5 6.52 -11.23 -7.55
CA LEU A 5 6.12 -9.92 -8.05
C LEU A 5 7.06 -9.54 -9.18
N THR A 6 6.52 -8.95 -10.24
CA THR A 6 7.33 -8.55 -11.39
C THR A 6 7.13 -7.08 -11.70
N PRO A 7 7.97 -6.50 -12.58
CA PRO A 7 7.86 -5.09 -12.94
C PRO A 7 6.59 -4.84 -13.75
N GLU A 8 5.95 -5.92 -14.19
CA GLU A 8 4.71 -5.79 -14.96
C GLU A 8 3.46 -5.76 -14.10
N ALA A 9 3.64 -5.82 -12.79
CA ALA A 9 2.50 -5.77 -11.87
C ALA A 9 1.69 -4.51 -12.17
N ALA A 10 0.36 -4.63 -12.18
CA ALA A 10 -0.49 -3.50 -12.47
C ALA A 10 -1.88 -3.70 -11.84
N GLY A 11 -2.77 -2.76 -12.11
CA GLY A 11 -4.11 -2.88 -11.56
C GLY A 11 -4.26 -2.27 -10.19
N THR A 12 -5.05 -2.91 -9.34
CA THR A 12 -5.28 -2.40 -8.00
C THR A 12 -4.83 -3.35 -6.91
N PHE A 13 -3.94 -2.88 -6.04
CA PHE A 13 -3.46 -3.67 -4.91
C PHE A 13 -4.07 -3.05 -3.66
N ALA A 14 -4.82 -3.84 -2.90
CA ALA A 14 -5.45 -3.32 -1.70
C ALA A 14 -4.51 -3.37 -0.50
N ILE A 15 -4.43 -2.28 0.26
CA ILE A 15 -3.59 -2.28 1.47
C ILE A 15 -4.53 -2.71 2.58
N ALA A 16 -4.27 -3.90 3.11
CA ALA A 16 -5.11 -4.47 4.16
C ALA A 16 -4.81 -4.07 5.59
N PRO A 17 -5.86 -3.66 6.32
CA PRO A 17 -5.64 -3.29 7.72
C PRO A 17 -5.57 -4.63 8.45
N THR A 18 -5.10 -4.64 9.69
CA THR A 18 -5.07 -5.88 10.44
C THR A 18 -6.33 -5.86 11.29
N PRO A 19 -7.27 -6.79 11.03
CA PRO A 19 -8.54 -6.87 11.78
C PRO A 19 -8.35 -7.27 13.23
N PHE A 20 -8.91 -6.47 14.14
CA PHE A 20 -8.84 -6.75 15.58
C PHE A 20 -10.23 -6.75 16.19
N HIS A 21 -10.37 -7.46 17.29
CA HIS A 21 -11.63 -7.46 18.02
C HIS A 21 -11.38 -6.38 19.08
N ASP A 22 -12.37 -6.08 19.90
CA ASP A 22 -12.23 -5.04 20.90
C ASP A 22 -11.13 -5.30 21.95
N ASP A 23 -10.90 -6.56 22.29
CA ASP A 23 -9.88 -6.91 23.27
C ASP A 23 -8.50 -6.76 22.66
N GLY A 24 -8.45 -6.47 21.36
CA GLY A 24 -7.17 -6.30 20.68
C GLY A 24 -6.62 -7.56 20.03
N LYS A 25 -7.33 -8.68 20.16
CA LYS A 25 -6.86 -9.91 19.55
C LYS A 25 -7.14 -9.91 18.06
N ILE A 26 -6.23 -10.51 17.30
CA ILE A 26 -6.35 -10.60 15.86
C ILE A 26 -7.62 -11.35 15.46
N ASP A 27 -8.38 -10.78 14.52
CA ASP A 27 -9.62 -11.37 14.05
C ASP A 27 -9.35 -12.09 12.73
N ASP A 28 -9.03 -13.38 12.79
CA ASP A 28 -8.73 -14.17 11.61
C ASP A 28 -9.89 -14.37 10.64
N VAL A 29 -11.11 -14.44 11.17
CA VAL A 29 -12.27 -14.62 10.33
C VAL A 29 -12.38 -13.43 9.37
N SER A 30 -12.13 -12.23 9.90
CA SER A 30 -12.19 -11.01 9.09
C SER A 30 -11.05 -10.93 8.09
N ILE A 31 -9.89 -11.49 8.45
CA ILE A 31 -8.77 -11.48 7.52
C ILE A 31 -9.18 -12.26 6.27
N ASP A 32 -9.83 -13.40 6.47
CA ASP A 32 -10.28 -14.21 5.34
C ASP A 32 -11.37 -13.49 4.55
N ARG A 33 -12.30 -12.87 5.28
CA ARG A 33 -13.40 -12.15 4.67
C ARG A 33 -12.88 -10.98 3.81
N LEU A 34 -11.91 -10.24 4.35
CA LEU A 34 -11.32 -9.13 3.62
C LEU A 34 -10.63 -9.64 2.35
N THR A 35 -9.85 -10.71 2.51
CA THR A 35 -9.13 -11.30 1.39
C THR A 35 -10.07 -11.75 0.28
N ASP A 36 -11.15 -12.44 0.64
CA ASP A 36 -12.12 -12.93 -0.34
C ASP A 36 -12.73 -11.74 -1.07
N PHE A 37 -12.99 -10.68 -0.32
CA PHE A 37 -13.57 -9.46 -0.85
C PHE A 37 -12.66 -8.86 -1.92
N TYR A 38 -11.40 -8.63 -1.58
CA TYR A 38 -10.45 -8.06 -2.53
C TYR A 38 -10.38 -8.85 -3.83
N ALA A 39 -10.37 -10.17 -3.72
CA ALA A 39 -10.30 -11.02 -4.91
C ALA A 39 -11.59 -10.88 -5.71
N GLU A 40 -12.72 -10.92 -5.01
CA GLU A 40 -14.03 -10.82 -5.63
C GLU A 40 -14.23 -9.56 -6.45
N VAL A 41 -13.69 -8.43 -5.99
CA VAL A 41 -13.87 -7.17 -6.68
C VAL A 41 -12.82 -6.82 -7.75
N GLY A 42 -11.92 -7.76 -8.05
CA GLY A 42 -10.93 -7.51 -9.09
C GLY A 42 -9.55 -7.00 -8.69
N CYS A 43 -9.21 -7.05 -7.41
CA CYS A 43 -7.89 -6.60 -6.97
C CYS A 43 -6.85 -7.60 -7.46
N GLU A 44 -5.69 -7.10 -7.90
CA GLU A 44 -4.62 -7.96 -8.39
C GLU A 44 -3.71 -8.41 -7.25
N GLY A 45 -3.74 -7.68 -6.15
CA GLY A 45 -2.88 -8.04 -5.03
C GLY A 45 -3.30 -7.40 -3.73
N VAL A 46 -2.57 -7.75 -2.67
CA VAL A 46 -2.85 -7.23 -1.35
C VAL A 46 -1.53 -6.96 -0.64
N THR A 47 -1.44 -5.82 0.03
CA THR A 47 -0.24 -5.47 0.78
C THR A 47 -0.64 -5.58 2.25
N VAL A 48 0.19 -6.26 3.04
CA VAL A 48 -0.13 -6.47 4.45
C VAL A 48 0.94 -5.97 5.42
N LEU A 49 0.54 -5.84 6.68
CA LEU A 49 1.41 -5.37 7.75
C LEU A 49 1.81 -3.92 7.54
N GLY A 50 3.01 -3.54 7.96
CA GLY A 50 3.42 -2.16 7.80
C GLY A 50 2.57 -1.26 8.69
N ILE A 51 2.76 0.06 8.56
CA ILE A 51 2.03 1.03 9.36
C ILE A 51 0.50 0.91 9.25
N LEU A 52 -0.01 0.88 8.02
CA LEU A 52 -1.46 0.80 7.82
C LEU A 52 -2.07 -0.47 8.40
N GLY A 53 -1.24 -1.50 8.57
CA GLY A 53 -1.72 -2.75 9.13
C GLY A 53 -1.41 -2.79 10.62
N GLU A 54 -1.02 -1.64 11.16
CA GLU A 54 -0.69 -1.50 12.58
C GLU A 54 0.37 -2.51 13.03
N ALA A 55 1.29 -2.85 12.12
CA ALA A 55 2.34 -3.81 12.44
C ALA A 55 3.16 -3.40 13.67
N PRO A 56 3.40 -2.09 13.85
CA PRO A 56 4.17 -1.67 15.03
C PRO A 56 3.48 -2.04 16.34
N LYS A 57 2.18 -2.33 16.27
CA LYS A 57 1.38 -2.68 17.45
C LYS A 57 1.27 -4.18 17.69
N LEU A 58 1.93 -4.97 16.85
CA LEU A 58 1.91 -6.43 16.96
C LEU A 58 3.29 -6.92 17.40
N ASP A 59 3.35 -8.09 18.01
CA ASP A 59 4.65 -8.64 18.39
C ASP A 59 5.12 -9.49 17.21
N ALA A 60 6.40 -9.86 17.20
CA ALA A 60 6.96 -10.65 16.11
C ALA A 60 6.10 -11.82 15.65
N ALA A 61 5.69 -12.67 16.60
CA ALA A 61 4.89 -13.85 16.28
C ALA A 61 3.54 -13.49 15.63
N GLU A 62 2.92 -12.43 16.11
CA GLU A 62 1.63 -12.00 15.57
C GLU A 62 1.77 -11.52 14.13
N ALA A 63 2.80 -10.71 13.88
CA ALA A 63 3.03 -10.18 12.54
C ALA A 63 3.21 -11.33 11.53
N GLU A 64 3.98 -12.33 11.93
CA GLU A 64 4.21 -13.48 11.06
C GLU A 64 2.92 -14.24 10.79
N ALA A 65 2.09 -14.40 11.82
CA ALA A 65 0.82 -15.11 11.68
C ALA A 65 -0.13 -14.35 10.76
N VAL A 66 -0.22 -13.04 10.95
CA VAL A 66 -1.11 -12.22 10.13
C VAL A 66 -0.69 -12.29 8.66
N ALA A 67 0.58 -12.03 8.41
CA ALA A 67 1.11 -12.06 7.05
C ALA A 67 0.82 -13.43 6.42
N THR A 68 1.04 -14.49 7.19
CA THR A 68 0.81 -15.84 6.71
C THR A 68 -0.66 -16.12 6.40
N ARG A 69 -1.54 -15.66 7.28
CA ARG A 69 -2.98 -15.86 7.08
C ARG A 69 -3.40 -15.27 5.74
N PHE A 70 -2.95 -14.05 5.46
CA PHE A 70 -3.28 -13.36 4.21
C PHE A 70 -2.68 -14.07 3.00
N ILE A 71 -1.41 -14.46 3.11
CA ILE A 71 -0.74 -15.14 2.02
C ILE A 71 -1.44 -16.43 1.63
N LYS A 72 -1.78 -17.24 2.61
CA LYS A 72 -2.45 -18.51 2.35
C LYS A 72 -3.87 -18.36 1.79
N ARG A 73 -4.54 -17.28 2.16
CA ARG A 73 -5.92 -17.05 1.71
C ARG A 73 -6.00 -16.49 0.29
N ALA A 74 -5.10 -15.59 -0.05
CA ALA A 74 -5.09 -14.97 -1.38
C ALA A 74 -4.39 -15.84 -2.42
N LYS A 75 -4.91 -17.04 -2.64
CA LYS A 75 -4.33 -17.98 -3.59
C LYS A 75 -4.21 -17.45 -5.04
N SER A 76 -5.15 -16.60 -5.45
CA SER A 76 -5.13 -16.06 -6.81
C SER A 76 -4.57 -14.65 -6.93
N GLN A 78 -1.28 -11.70 -5.72
CA GLN A 78 0.08 -11.54 -5.24
C GLN A 78 0.02 -10.75 -3.94
N VAL A 79 0.62 -11.29 -2.88
CA VAL A 79 0.62 -10.61 -1.59
C VAL A 79 1.99 -10.03 -1.26
N ILE A 80 2.01 -8.74 -0.95
CA ILE A 80 3.24 -8.04 -0.62
C ILE A 80 3.28 -7.77 0.89
N VAL A 81 4.36 -8.16 1.53
CA VAL A 81 4.48 -7.96 2.97
C VAL A 81 5.44 -6.81 3.29
N GLY A 82 4.97 -5.86 4.08
CA GLY A 82 5.82 -4.74 4.45
C GLY A 82 6.84 -5.28 5.43
N VAL A 83 8.13 -5.05 5.18
CA VAL A 83 9.16 -5.54 6.08
C VAL A 83 10.03 -4.43 6.66
N SER A 84 9.63 -3.18 6.44
CA SER A 84 10.38 -2.04 6.97
C SER A 84 10.57 -2.28 8.47
N ALA A 85 11.79 -2.07 8.96
CA ALA A 85 12.06 -2.31 10.38
C ALA A 85 13.24 -1.47 10.86
N PRO A 86 13.40 -1.34 12.18
CA PRO A 86 14.49 -0.56 12.76
C PRO A 86 15.85 -1.18 12.49
N GLY A 87 15.86 -2.50 12.27
CA GLY A 87 17.10 -3.19 12.01
C GLY A 87 16.97 -4.24 10.93
N PHE A 88 18.11 -4.64 10.37
CA PHE A 88 18.14 -5.63 9.29
C PHE A 88 17.84 -7.07 9.69
N ALA A 89 18.12 -7.44 10.94
CA ALA A 89 17.86 -8.80 11.39
C ALA A 89 16.36 -9.10 11.37
N ALA A 90 15.58 -8.19 11.93
CA ALA A 90 14.13 -8.36 11.96
C ALA A 90 13.59 -8.35 10.55
N ARG A 92 15.14 -9.26 7.75
CA ARG A 92 15.47 -10.51 7.08
C ARG A 92 14.56 -11.64 7.52
N ARG A 93 14.31 -11.73 8.82
CA ARG A 93 13.45 -12.77 9.36
C ARG A 93 12.07 -12.73 8.73
N LEU A 94 11.41 -11.58 8.80
CA LEU A 94 10.06 -11.43 8.26
C LEU A 94 10.01 -11.59 6.74
N ALA A 95 11.04 -11.13 6.05
CA ALA A 95 11.07 -11.23 4.59
C ALA A 95 11.17 -12.68 4.13
N ARG A 96 12.13 -13.42 4.68
CA ARG A 96 12.31 -14.82 4.32
C ARG A 96 11.11 -15.68 4.70
N LEU A 97 10.54 -15.40 5.87
CA LEU A 97 9.38 -16.12 6.35
C LEU A 97 8.21 -15.92 5.41
N SER A 98 8.01 -14.66 5.01
CA SER A 98 6.93 -14.30 4.10
C SER A 98 7.10 -14.97 2.75
N ASP A 100 8.85 -17.74 2.08
CA ASP A 100 8.68 -19.18 2.22
C ASP A 100 7.19 -19.52 2.33
N ALA A 101 6.42 -18.61 2.90
CA ALA A 101 4.99 -18.79 3.06
C ALA A 101 4.22 -18.68 1.75
N GLY A 102 4.78 -17.92 0.81
CA GLY A 102 4.13 -17.76 -0.49
C GLY A 102 3.94 -16.32 -0.94
N ALA A 103 4.57 -15.38 -0.25
CA ALA A 103 4.45 -13.97 -0.61
C ALA A 103 5.03 -13.73 -2.00
N ALA A 104 4.49 -12.71 -2.69
CA ALA A 104 4.98 -12.35 -4.01
C ALA A 104 6.24 -11.48 -3.87
N GLY A 105 6.34 -10.78 -2.75
CA GLY A 105 7.49 -9.93 -2.51
C GLY A 105 7.29 -9.11 -1.25
N VAL A 106 8.24 -8.22 -0.96
CA VAL A 106 8.16 -7.40 0.24
C VAL A 106 8.32 -5.91 -0.07
N ILE A 108 9.83 -2.12 1.25
CA ILE A 108 10.81 -1.50 2.13
C ILE A 108 10.79 0.01 2.05
N ALA A 109 10.60 0.64 3.21
CA ALA A 109 10.58 2.08 3.32
C ALA A 109 11.88 2.47 4.02
N PRO A 110 12.39 3.67 3.76
CA PRO A 110 13.64 4.08 4.39
C PRO A 110 13.41 4.64 5.79
N PRO A 111 14.43 4.55 6.66
CA PRO A 111 14.25 5.09 8.02
C PRO A 111 14.09 6.60 7.85
N PRO A 112 13.35 7.25 8.77
CA PRO A 112 13.11 8.70 8.71
C PRO A 112 14.30 9.64 8.79
N SER A 113 15.48 9.13 9.16
CA SER A 113 16.66 9.97 9.31
C SER A 113 17.50 10.20 8.06
N LEU A 114 17.34 9.35 7.05
CA LEU A 114 18.13 9.50 5.81
C LEU A 114 17.89 10.83 5.11
N ARG A 115 18.97 11.55 4.83
CA ARG A 115 18.85 12.84 4.15
C ARG A 115 19.63 12.90 2.83
N THR A 116 20.92 12.65 2.89
CA THR A 116 21.74 12.72 1.68
C THR A 116 21.39 11.55 0.75
N ASP A 117 21.57 11.77 -0.54
CA ASP A 117 21.27 10.74 -1.52
C ASP A 117 22.25 9.57 -1.32
N GLU A 118 23.40 9.89 -0.75
CA GLU A 118 24.42 8.89 -0.46
C GLU A 118 23.88 7.94 0.61
N GLN A 119 23.29 8.51 1.65
CA GLN A 119 22.74 7.69 2.74
C GLN A 119 21.56 6.85 2.24
N ILE A 120 20.76 7.42 1.35
CA ILE A 120 19.60 6.71 0.82
C ILE A 120 20.01 5.50 -0.02
N THR A 121 20.88 5.70 -1.01
CA THR A 121 21.29 4.57 -1.84
C THR A 121 22.03 3.52 -1.04
N THR A 122 22.84 3.96 -0.08
CA THR A 122 23.57 3.00 0.74
C THR A 122 22.62 2.15 1.58
N TYR A 123 21.62 2.78 2.18
CA TYR A 123 20.67 2.05 2.99
C TYR A 123 20.02 0.89 2.24
N PHE A 124 19.52 1.18 1.05
CA PHE A 124 18.87 0.15 0.27
C PHE A 124 19.79 -0.97 -0.20
N ARG A 125 21.07 -0.66 -0.40
CA ARG A 125 22.00 -1.71 -0.79
C ARG A 125 22.19 -2.62 0.42
N GLN A 126 22.17 -2.03 1.61
CA GLN A 126 22.32 -2.82 2.83
C GLN A 126 21.03 -3.60 3.08
N ALA A 127 19.91 -2.98 2.75
CA ALA A 127 18.60 -3.59 2.93
C ALA A 127 18.44 -4.83 2.04
N THR A 128 18.83 -4.73 0.78
CA THR A 128 18.73 -5.87 -0.13
C THR A 128 19.72 -6.97 0.25
N GLU A 129 20.87 -6.58 0.78
CA GLU A 129 21.86 -7.56 1.19
C GLU A 129 21.28 -8.36 2.35
N ALA A 130 20.47 -7.68 3.15
CA ALA A 130 19.83 -8.29 4.31
C ALA A 130 18.76 -9.32 3.97
N ILE A 131 17.81 -8.95 3.11
CA ILE A 131 16.73 -9.85 2.73
C ILE A 131 17.10 -10.85 1.65
N GLY A 132 18.19 -10.57 0.93
CA GLY A 132 18.62 -11.45 -0.14
C GLY A 132 18.28 -10.85 -1.49
N ASP A 133 19.22 -10.90 -2.43
CA ASP A 133 18.99 -10.33 -3.76
C ASP A 133 17.96 -11.10 -4.59
N ASP A 134 17.51 -12.22 -4.07
CA ASP A 134 16.53 -13.05 -4.76
C ASP A 134 15.09 -12.67 -4.41
N VAL A 135 14.93 -11.80 -3.43
CA VAL A 135 13.61 -11.37 -2.99
C VAL A 135 13.09 -10.13 -3.72
N PRO A 136 11.98 -10.28 -4.47
CA PRO A 136 11.40 -9.15 -5.19
C PRO A 136 10.93 -8.14 -4.16
N TRP A 137 11.21 -6.85 -4.37
CA TRP A 137 10.77 -5.89 -3.38
C TRP A 137 10.21 -4.59 -3.97
N VAL A 138 9.51 -3.86 -3.12
CA VAL A 138 8.86 -2.61 -3.47
C VAL A 138 9.47 -1.45 -2.70
N LEU A 139 9.87 -0.41 -3.43
CA LEU A 139 10.44 0.79 -2.83
C LEU A 139 9.32 1.75 -2.47
N GLN A 140 9.15 2.05 -1.18
CA GLN A 140 8.11 2.98 -0.75
C GLN A 140 8.64 4.41 -0.65
N ASP A 141 8.05 5.30 -1.42
CA ASP A 141 8.41 6.72 -1.47
C ASP A 141 7.23 7.53 -0.95
N TYR A 142 7.26 7.85 0.34
CA TYR A 142 6.16 8.57 0.99
C TYR A 142 6.71 9.63 1.95
N PRO A 143 7.24 10.73 1.39
CA PRO A 143 7.82 11.84 2.16
C PRO A 143 6.90 12.40 3.25
N LEU A 144 5.61 12.53 2.93
CA LEU A 144 4.65 13.08 3.88
C LEU A 144 4.75 12.48 5.28
N THR A 145 4.91 11.16 5.37
CA THR A 145 4.97 10.50 6.65
C THR A 145 6.36 10.01 7.05
N LEU A 146 7.20 9.76 6.05
CA LEU A 146 8.54 9.26 6.31
C LEU A 146 9.66 10.29 6.28
N SER A 147 9.32 11.52 5.89
CA SER A 147 10.29 12.62 5.84
C SER A 147 11.30 12.53 4.72
N VAL A 148 11.83 11.34 4.46
CA VAL A 148 12.83 11.17 3.41
C VAL A 148 12.31 11.58 2.04
N VAL A 149 13.15 12.28 1.28
CA VAL A 149 12.78 12.71 -0.06
C VAL A 149 13.74 12.06 -1.04
N THR A 151 14.78 11.87 -5.14
CA THR A 151 14.61 12.41 -6.48
C THR A 151 14.47 11.26 -7.47
N PRO A 152 13.92 11.52 -8.66
CA PRO A 152 13.77 10.47 -9.67
C PRO A 152 15.11 9.79 -9.95
N LYS A 153 16.19 10.57 -9.98
CA LYS A 153 17.53 10.03 -10.24
C LYS A 153 17.96 9.10 -9.11
N VAL A 154 17.61 9.45 -7.88
CA VAL A 154 17.96 8.62 -6.73
C VAL A 154 17.17 7.31 -6.83
N ILE A 155 15.90 7.42 -7.20
CA ILE A 155 15.07 6.24 -7.35
C ILE A 155 15.66 5.36 -8.43
N ARG A 156 16.04 5.95 -9.56
CA ARG A 156 16.62 5.20 -10.65
C ARG A 156 17.87 4.43 -10.21
N GLN A 157 18.71 5.10 -9.42
CA GLN A 157 19.92 4.47 -8.91
C GLN A 157 19.60 3.29 -7.99
N ILE A 158 18.66 3.49 -7.08
CA ILE A 158 18.24 2.44 -6.15
C ILE A 158 17.81 1.20 -6.92
N VAL A 159 16.99 1.42 -7.94
CA VAL A 159 16.48 0.32 -8.76
C VAL A 159 17.58 -0.38 -9.54
N ASP A 161 20.72 -0.35 -9.00
CA ASP A 161 21.74 -0.89 -8.10
C ASP A 161 21.27 -2.26 -7.57
N SER A 162 19.97 -2.47 -7.61
CA SER A 162 19.39 -3.72 -7.09
C SER A 162 19.17 -4.81 -8.13
N ALA A 163 19.15 -6.04 -7.64
CA ALA A 163 18.94 -7.18 -8.51
C ALA A 163 17.44 -7.42 -8.66
N SER A 164 16.70 -7.08 -7.61
CA SER A 164 15.26 -7.35 -7.60
C SER A 164 14.24 -6.27 -7.18
N CYS A 165 14.56 -4.99 -7.30
CA CYS A 165 13.54 -4.00 -6.96
C CYS A 165 12.66 -3.98 -8.21
N VAL A 166 11.42 -4.41 -8.08
CA VAL A 166 10.51 -4.48 -9.22
C VAL A 166 9.40 -3.44 -9.24
N LEU A 168 7.79 0.55 -7.51
CA LEU A 168 7.87 1.76 -6.72
C LEU A 168 6.46 2.03 -6.24
N LYS A 169 6.27 2.21 -4.93
CA LYS A 169 4.97 2.56 -4.42
C LYS A 169 5.10 4.07 -4.37
N HIS A 170 4.54 4.72 -5.38
CA HIS A 170 4.59 6.17 -5.54
C HIS A 170 3.62 6.94 -4.65
N GLU A 171 4.16 7.64 -3.66
CA GLU A 171 3.33 8.42 -2.75
C GLU A 171 3.83 9.86 -2.58
N ASP A 172 4.74 10.29 -3.45
CA ASP A 172 5.26 11.65 -3.36
C ASP A 172 4.11 12.64 -3.59
N TRP A 173 4.20 13.80 -2.96
CA TRP A 173 3.16 14.81 -3.04
C TRP A 173 3.78 16.19 -2.87
N PRO A 174 3.88 16.98 -3.96
CA PRO A 174 3.46 16.68 -5.34
C PRO A 174 4.33 15.63 -6.00
N GLY A 175 3.71 14.71 -6.74
CA GLY A 175 4.50 13.66 -7.39
C GLY A 175 4.13 13.36 -8.83
N LEU A 176 3.24 14.14 -9.44
CA LEU A 176 2.87 13.85 -10.81
C LEU A 176 4.06 13.92 -11.77
N GLU A 177 4.90 14.95 -11.63
CA GLU A 177 6.05 15.08 -12.53
C GLU A 177 7.07 13.95 -12.34
N LYS A 178 7.15 13.41 -11.13
CA LYS A 178 8.08 12.32 -10.86
C LYS A 178 7.74 11.10 -11.72
N ILE A 179 6.45 10.82 -11.88
CA ILE A 179 6.05 9.69 -12.69
C ILE A 179 6.51 9.92 -14.12
N THR A 180 6.21 11.10 -14.66
CA THR A 180 6.61 11.44 -16.01
C THR A 180 8.11 11.31 -16.20
N THR A 181 8.89 11.83 -15.25
CA THR A 181 10.35 11.77 -15.32
C THR A 181 10.85 10.32 -15.35
N LEU A 182 10.32 9.49 -14.46
CA LEU A 182 10.71 8.09 -14.39
C LEU A 182 10.36 7.35 -15.70
N ARG A 183 9.18 7.63 -16.24
CA ARG A 183 8.81 6.97 -17.50
C ARG A 183 9.77 7.43 -18.59
N GLY A 184 10.25 8.65 -18.48
CA GLY A 184 11.18 9.19 -19.45
C GLY A 184 12.51 8.47 -19.39
N PHE A 185 12.94 8.10 -18.19
CA PHE A 185 14.20 7.39 -18.02
C PHE A 185 14.10 6.04 -18.70
N GLN A 186 12.93 5.42 -18.62
CA GLN A 186 12.71 4.13 -19.26
C GLN A 186 12.76 4.29 -20.77
N LYS A 187 12.20 5.39 -21.26
CA LYS A 187 12.20 5.67 -22.69
C LYS A 187 13.62 5.87 -23.21
N ASP A 188 14.46 6.59 -22.45
CA ASP A 188 15.83 6.82 -22.89
C ASP A 188 16.76 5.65 -22.59
N GLY A 189 16.25 4.63 -21.91
CA GLY A 189 17.05 3.47 -21.61
C GLY A 189 17.88 3.45 -20.34
N SER A 190 17.79 4.48 -19.52
CA SER A 190 18.56 4.53 -18.29
C SER A 190 17.85 3.79 -17.14
N LEU A 191 16.57 3.48 -17.32
CA LEU A 191 15.82 2.77 -16.30
C LEU A 191 15.10 1.55 -16.88
N ARG A 192 15.31 0.40 -16.26
CA ARG A 192 14.68 -0.85 -16.71
C ARG A 192 13.22 -0.92 -16.32
N PRO A 193 12.51 -1.98 -16.72
CA PRO A 193 11.09 -2.12 -16.38
C PRO A 193 10.86 -1.94 -14.88
N LEU A 194 9.82 -1.19 -14.54
CA LEU A 194 9.49 -0.92 -13.14
C LEU A 194 8.01 -0.62 -13.00
N SER A 195 7.35 -1.35 -12.09
CA SER A 195 5.94 -1.13 -11.86
C SER A 195 5.79 0.09 -10.95
N ILE A 196 4.80 0.91 -11.25
CA ILE A 196 4.54 2.09 -10.43
C ILE A 196 3.10 2.08 -9.98
N LEU A 197 2.88 1.80 -8.70
CA LEU A 197 1.54 1.79 -8.14
C LEU A 197 1.51 2.98 -7.19
N CYS A 198 0.43 3.76 -7.26
CA CYS A 198 0.32 4.96 -6.48
C CYS A 198 -0.44 4.88 -5.16
N GLY A 199 0.00 5.72 -4.23
CA GLY A 199 -0.62 5.76 -2.92
C GLY A 199 -1.05 7.14 -2.49
N ASN A 200 -0.59 7.56 -1.32
CA ASN A 200 -0.95 8.85 -0.74
C ASN A 200 -2.47 8.98 -0.70
N GLY A 201 -3.12 7.92 -0.20
CA GLY A 201 -4.57 7.89 -0.08
C GLY A 201 -5.36 7.95 -1.38
N GLY A 202 -4.67 7.90 -2.51
CA GLY A 202 -5.35 7.96 -3.79
C GLY A 202 -5.77 9.38 -4.15
N LEU A 203 -5.22 10.35 -3.44
CA LEU A 203 -5.56 11.75 -3.64
C LEU A 203 -5.35 12.24 -5.08
N PHE A 204 -4.37 11.68 -5.78
CA PHE A 204 -4.12 12.08 -7.16
C PHE A 204 -4.20 10.93 -8.17
N LEU A 205 -4.88 9.85 -7.82
CA LEU A 205 -4.99 8.70 -8.71
C LEU A 205 -5.49 9.02 -10.11
N ASP A 206 -6.43 9.96 -10.20
CA ASP A 206 -6.98 10.31 -11.51
C ASP A 206 -5.90 10.75 -12.48
N PHE A 207 -5.03 11.66 -12.05
CA PHE A 207 -3.98 12.14 -12.93
C PHE A 207 -2.75 11.24 -12.94
N GLU A 208 -2.54 10.50 -11.85
CA GLU A 208 -1.40 9.60 -11.79
C GLU A 208 -1.51 8.54 -12.89
N GLU A 210 -3.00 8.98 -15.74
CA GLU A 210 -2.72 9.67 -16.99
C GLU A 210 -1.22 9.85 -17.21
N ARG A 211 -0.49 10.06 -16.13
CA ARG A 211 0.97 10.23 -16.23
C ARG A 211 1.68 8.94 -16.61
N GLY A 212 1.03 7.81 -16.39
CA GLY A 212 1.65 6.56 -16.75
C GLY A 212 1.81 5.53 -15.65
N ALA A 213 1.17 5.76 -14.50
CA ALA A 213 1.26 4.79 -13.41
C ALA A 213 0.58 3.51 -13.89
N ASP A 214 0.97 2.37 -13.32
CA ASP A 214 0.41 1.08 -13.70
C ASP A 214 -0.87 0.77 -12.94
N GLY A 215 -1.07 1.46 -11.83
CA GLY A 215 -2.24 1.23 -11.04
C GLY A 215 -2.16 1.86 -9.67
N ALA A 216 -2.92 1.31 -8.73
CA ALA A 216 -2.96 1.84 -7.37
C ALA A 216 -2.72 0.80 -6.28
N THR A 218 -3.88 0.94 -2.80
CA THR A 218 -4.75 1.73 -1.96
C THR A 218 -5.34 1.13 -0.70
N GLY A 219 -5.43 1.97 0.34
CA GLY A 219 -6.01 1.56 1.60
C GLY A 219 -7.42 2.12 1.67
N TYR A 220 -7.86 2.75 0.59
CA TYR A 220 -9.21 3.34 0.51
C TYR A 220 -10.28 2.28 0.76
N CYS A 221 -11.30 2.63 1.54
CA CYS A 221 -12.38 1.70 1.89
C CYS A 221 -13.27 1.23 0.74
N PHE A 222 -13.02 1.73 -0.46
CA PHE A 222 -13.77 1.29 -1.64
C PHE A 222 -12.77 0.89 -2.72
N PRO A 223 -11.93 -0.11 -2.43
CA PRO A 223 -10.94 -0.54 -3.42
C PRO A 223 -11.67 -1.05 -4.65
N ASP A 224 -12.88 -1.55 -4.45
CA ASP A 224 -13.68 -2.06 -5.55
C ASP A 224 -13.99 -0.95 -6.57
N LEU A 226 -12.07 1.87 -6.96
CA LEU A 226 -10.84 2.34 -7.56
C LEU A 226 -10.41 1.37 -8.65
N VAL A 227 -10.86 0.11 -8.55
CA VAL A 227 -10.55 -0.89 -9.56
C VAL A 227 -11.12 -0.35 -10.88
N ASP A 228 -12.33 0.20 -10.81
CA ASP A 228 -12.97 0.76 -11.99
C ASP A 228 -12.29 2.04 -12.44
N VAL A 229 -11.84 2.87 -11.50
CA VAL A 229 -11.15 4.10 -11.87
C VAL A 229 -9.89 3.72 -12.66
N VAL A 230 -9.18 2.71 -12.19
CA VAL A 230 -7.95 2.27 -12.87
C VAL A 230 -8.31 1.70 -14.25
N LYS A 231 -9.37 0.90 -14.31
CA LYS A 231 -9.79 0.33 -15.58
C LYS A 231 -10.22 1.39 -16.58
N LEU A 232 -11.05 2.33 -16.13
CA LEU A 232 -11.51 3.40 -17.01
C LEU A 232 -10.34 4.23 -17.51
N SER A 233 -9.37 4.48 -16.62
CA SER A 233 -8.21 5.28 -16.98
C SER A 233 -7.40 4.59 -18.06
N LYS A 234 -7.16 3.29 -17.89
CA LYS A 234 -6.39 2.51 -18.86
C LYS A 234 -7.12 2.44 -20.21
N ALA A 235 -8.45 2.53 -20.16
CA ALA A 235 -9.27 2.47 -21.36
C ALA A 235 -9.35 3.83 -22.08
N GLY A 236 -8.68 4.84 -21.54
CA GLY A 236 -8.70 6.15 -22.17
C GLY A 236 -10.02 6.89 -22.03
N GLN A 237 -10.91 6.37 -21.18
CA GLN A 237 -12.20 7.00 -20.94
C GLN A 237 -12.01 8.07 -19.87
N ARG A 238 -11.35 9.16 -20.25
CA ARG A 238 -11.04 10.25 -19.33
C ARG A 238 -12.22 10.80 -18.52
N ASP A 239 -13.30 11.17 -19.19
CA ASP A 239 -14.45 11.73 -18.50
C ASP A 239 -15.07 10.74 -17.54
N LEU A 240 -15.24 9.49 -17.96
CA LEU A 240 -15.83 8.48 -17.09
C LEU A 240 -14.94 8.23 -15.88
N ALA A 241 -13.64 8.14 -16.12
CA ALA A 241 -12.69 7.91 -15.05
C ALA A 241 -12.75 9.04 -14.04
N HIS A 242 -12.67 10.28 -14.52
CA HIS A 242 -12.73 11.44 -13.62
C HIS A 242 -14.09 11.63 -12.95
N ASN A 243 -15.16 11.21 -13.61
CA ASN A 243 -16.47 11.35 -13.00
C ASN A 243 -16.57 10.45 -11.77
N LEU A 244 -16.12 9.22 -11.92
CA LEU A 244 -16.15 8.25 -10.83
C LEU A 244 -15.19 8.66 -9.72
N PHE A 245 -13.99 9.10 -10.10
CA PHE A 245 -13.02 9.53 -9.12
C PHE A 245 -13.59 10.70 -8.30
N ASP A 246 -14.11 11.70 -9.01
CA ASP A 246 -14.67 12.89 -8.36
C ASP A 246 -15.80 12.58 -7.39
N ALA A 247 -16.55 11.51 -7.68
CA ALA A 247 -17.65 11.11 -6.81
C ALA A 247 -17.07 10.56 -5.52
N HIS A 248 -15.89 9.98 -5.59
CA HIS A 248 -15.25 9.41 -4.42
C HIS A 248 -14.28 10.37 -3.71
N LEU A 249 -13.86 11.41 -4.40
CA LEU A 249 -12.90 12.34 -3.81
C LEU A 249 -13.27 12.89 -2.44
N PRO A 250 -14.55 13.22 -2.21
CA PRO A 250 -14.92 13.75 -0.89
C PRO A 250 -14.57 12.77 0.23
N LEU A 251 -14.84 11.49 0.02
CA LEU A 251 -14.53 10.47 1.03
C LEU A 251 -13.07 10.12 1.01
N ILE A 252 -12.47 10.10 -0.18
CA ILE A 252 -11.04 9.82 -0.28
C ILE A 252 -10.28 10.85 0.56
N ARG A 253 -10.62 12.12 0.43
CA ARG A 253 -9.92 13.14 1.19
C ARG A 253 -10.24 13.10 2.68
N TYR A 254 -11.44 12.68 3.04
CA TYR A 254 -11.79 12.61 4.47
C TYR A 254 -10.96 11.52 5.14
N GLU A 255 -10.79 10.40 4.44
CA GLU A 255 -10.02 9.27 4.96
C GLU A 255 -8.52 9.59 4.94
N HIS A 256 -8.14 10.52 4.07
CA HIS A 256 -6.75 10.93 3.92
C HIS A 256 -6.33 11.91 5.02
N GLN A 257 -6.60 11.56 6.27
CA GLN A 257 -6.22 12.38 7.41
C GLN A 257 -5.36 11.53 8.32
N GLN A 258 -4.22 12.05 8.73
CA GLN A 258 -3.33 11.30 9.62
C GLN A 258 -4.02 10.93 10.92
N GLY A 259 -3.89 9.66 11.32
CA GLY A 259 -4.51 9.20 12.55
C GLY A 259 -5.97 8.84 12.39
N VAL A 260 -6.77 9.82 11.97
CA VAL A 260 -8.21 9.61 11.76
C VAL A 260 -8.46 8.65 10.60
N GLY A 261 -7.53 8.64 9.65
CA GLY A 261 -7.65 7.79 8.48
C GLY A 261 -7.95 6.33 8.75
N LEU A 262 -7.20 5.72 9.67
CA LEU A 262 -7.42 4.31 10.01
C LEU A 262 -8.79 4.11 10.63
N SER A 263 -9.20 5.07 11.46
CA SER A 263 -10.50 5.00 12.11
C SER A 263 -11.61 5.07 11.07
N VAL A 264 -11.41 5.87 10.04
CA VAL A 264 -12.40 6.00 8.98
C VAL A 264 -12.49 4.70 8.19
N ARG A 265 -11.32 4.17 7.81
CA ARG A 265 -11.26 2.92 7.05
C ARG A 265 -11.94 1.77 7.77
N LYS A 266 -11.53 1.52 9.00
CA LYS A 266 -12.10 0.43 9.77
C LYS A 266 -13.58 0.60 10.06
N TYR A 267 -14.02 1.84 10.26
CA TYR A 267 -15.43 2.11 10.50
C TYR A 267 -16.25 1.70 9.27
N VAL A 268 -15.80 2.11 8.09
CA VAL A 268 -16.51 1.79 6.86
C VAL A 268 -16.44 0.31 6.50
N LEU A 269 -15.27 -0.29 6.64
CA LEU A 269 -15.11 -1.72 6.31
C LEU A 269 -16.01 -2.57 7.21
N LYS A 270 -16.27 -2.09 8.42
CA LYS A 270 -17.14 -2.83 9.33
C LYS A 270 -18.58 -2.65 8.84
N LYS A 271 -18.92 -1.42 8.49
CA LYS A 271 -20.25 -1.09 7.99
C LYS A 271 -20.53 -1.87 6.71
N ARG A 272 -19.47 -2.18 5.95
CA ARG A 272 -19.64 -2.94 4.72
C ARG A 272 -19.70 -4.44 4.99
N GLY A 273 -19.60 -4.82 6.26
CA GLY A 273 -19.67 -6.22 6.63
C GLY A 273 -18.40 -7.03 6.45
N LEU A 274 -17.27 -6.34 6.25
CA LEU A 274 -15.99 -7.02 6.06
C LEU A 274 -15.24 -7.23 7.39
N LEU A 275 -15.42 -6.32 8.33
CA LEU A 275 -14.77 -6.44 9.64
C LEU A 275 -15.85 -6.66 10.69
N SER A 276 -15.55 -7.51 11.68
CA SER A 276 -16.48 -7.78 12.77
C SER A 276 -16.45 -6.59 13.72
N SER A 277 -15.26 -6.04 13.89
CA SER A 277 -15.04 -4.88 14.75
C SER A 277 -14.12 -3.87 14.07
N SER A 278 -14.33 -2.59 14.37
CA SER A 278 -13.54 -1.51 13.80
C SER A 278 -12.39 -1.16 14.74
N ALA A 279 -12.19 -1.99 15.77
CA ALA A 279 -11.15 -1.76 16.75
C ALA A 279 -9.71 -1.70 16.23
N GLN A 280 -8.91 -0.87 16.89
CA GLN A 280 -7.48 -0.72 16.60
C GLN A 280 -6.81 -1.00 17.94
N ARG A 281 -5.50 -1.23 17.92
CA ARG A 281 -4.78 -1.45 19.15
C ARG A 281 -4.21 -0.10 19.59
N LYS A 282 -3.92 0.04 20.88
CA LYS A 282 -3.37 1.30 21.38
C LYS A 282 -1.95 1.44 20.85
N PRO A 283 -1.52 2.66 20.49
CA PRO A 283 -2.32 3.89 20.55
C PRO A 283 -3.21 4.05 19.32
N GLY A 284 -4.44 4.50 19.53
CA GLY A 284 -5.38 4.69 18.44
C GLY A 284 -6.74 5.06 18.97
N ALA A 285 -7.37 6.07 18.37
CA ALA A 285 -8.68 6.51 18.82
C ALA A 285 -9.73 6.34 17.74
N SER A 286 -10.94 5.95 18.15
CA SER A 286 -12.05 5.76 17.23
C SER A 286 -12.70 7.09 16.85
N LEU A 287 -13.57 7.06 15.86
CA LEU A 287 -14.27 8.27 15.42
C LEU A 287 -15.28 8.75 16.44
N THR A 288 -15.40 10.07 16.57
CA THR A 288 -16.37 10.66 17.48
C THR A 288 -17.73 10.44 16.83
N ASP A 289 -18.81 10.64 17.59
CA ASP A 289 -20.15 10.47 17.05
C ASP A 289 -20.35 11.38 15.83
N THR A 290 -19.85 12.61 15.92
CA THR A 290 -19.98 13.57 14.84
C THR A 290 -19.20 13.15 13.60
N ALA A 291 -17.96 12.71 13.77
CA ALA A 291 -17.14 12.27 12.65
C ALA A 291 -17.84 11.10 11.95
N ARG A 292 -18.43 10.20 12.72
CA ARG A 292 -19.13 9.07 12.16
C ARG A 292 -20.30 9.55 11.29
N GLU A 293 -21.02 10.55 11.78
CA GLU A 293 -22.15 11.10 11.02
C GLU A 293 -21.65 11.73 9.72
N GLU A 294 -20.54 12.46 9.80
CA GLU A 294 -19.97 13.10 8.62
C GLU A 294 -19.57 12.05 7.58
N VAL A 295 -18.97 10.96 8.04
CA VAL A 295 -18.58 9.88 7.14
C VAL A 295 -19.85 9.28 6.54
N ASP A 296 -20.87 9.08 7.38
CA ASP A 296 -22.14 8.53 6.91
C ASP A 296 -22.73 9.42 5.83
N TYR A 297 -22.62 10.73 6.03
CA TYR A 297 -23.15 11.69 5.06
C TYR A 297 -22.46 11.52 3.71
N LEU A 298 -21.14 11.42 3.72
CA LEU A 298 -20.39 11.24 2.49
C LEU A 298 -20.78 9.93 1.82
N LEU A 299 -20.93 8.88 2.62
CA LEU A 299 -21.32 7.57 2.11
C LEU A 299 -22.69 7.63 1.43
N SER A 300 -23.61 8.38 2.03
CA SER A 300 -24.96 8.51 1.49
C SER A 300 -24.99 9.21 0.14
N ARG A 301 -24.04 10.11 -0.08
CA ARG A 301 -23.96 10.87 -1.32
C ARG A 301 -23.28 10.06 -2.43
N LEU A 302 -22.52 9.05 -2.03
CA LEU A 302 -21.83 8.20 -2.98
C LEU A 302 -22.89 7.41 -3.75
#